data_2B5O
#
_entry.id   2B5O
#
_cell.length_a   121.985
_cell.length_b   121.985
_cell.length_c   74.729
_cell.angle_alpha   90.00
_cell.angle_beta   90.00
_cell.angle_gamma   120.00
#
_symmetry.space_group_name_H-M   'P 32 2 1'
#
loop_
_entity.id
_entity.type
_entity.pdbx_description
1 polymer 'Ferredoxin--NADP reductase'
2 non-polymer 'SULFATE ION'
3 non-polymer 'FLAVIN-ADENINE DINUCLEOTIDE'
4 water water
#
_entity_poly.entity_id   1
_entity_poly.type   'polypeptide(L)'
_entity_poly.pdbx_seq_one_letter_code
;MYGITSTANSTGNQSYANRLFIYEVVGLGGDGRNENSLVRKSGTTFITVPYARMNQEMQRITKLGGKIVSIRPAEDAAQI
VSEGQSSAQASAQSPMASSTKIVHPKTTDTSVPVNIYRPKTPFLGKCIENYELVDEGGSGTVRHVTFDISEGDLRYLEGQ
SIGIIPPGEDKNGKPHKLRLYSIASTRHGDMEDNKTVSLCVRQLEYQDPESGETVYGVCSTYLCNLPVGTDDVKITGPVG
KEMLLPDDEDATVVMLATGTGIAPFRAFLWRMFKEQHEDYKFKGKAWLIFGVPYTANILYKDDFEKMAAENPDNFRLTYA
ISREQKTADGGKVYVQSRVSEYADELFEMIQKPNTHVYMCGLKGMQPPIDETFTAEAEKRGLNWEEMRRSMKKEHRWHVE
VY
;
_entity_poly.pdbx_strand_id   A,B
#
# COMPACT_ATOMS: atom_id res chain seq x y z
N SER A 111 22.35 -34.11 9.20
CA SER A 111 23.24 -33.32 8.28
C SER A 111 22.64 -31.97 7.89
N VAL A 112 21.31 -31.87 7.76
CA VAL A 112 20.66 -30.58 7.52
C VAL A 112 20.44 -29.83 8.85
N PRO A 113 21.13 -28.69 9.05
CA PRO A 113 20.88 -27.94 10.29
C PRO A 113 19.49 -27.32 10.32
N VAL A 114 18.88 -27.34 11.50
CA VAL A 114 17.65 -26.57 11.78
C VAL A 114 17.68 -26.12 13.24
N ASN A 115 17.07 -24.97 13.51
CA ASN A 115 16.86 -24.49 14.87
C ASN A 115 18.07 -24.56 15.80
N ILE A 116 19.25 -24.24 15.28
CA ILE A 116 20.46 -24.04 16.06
C ILE A 116 20.19 -22.92 17.08
N TYR A 117 19.39 -21.94 16.69
CA TYR A 117 18.85 -20.94 17.62
C TYR A 117 17.31 -20.97 17.59
N ARG A 118 16.73 -21.01 18.79
CA ARG A 118 15.27 -21.07 18.97
C ARG A 118 14.79 -19.65 19.28
N PRO A 119 13.52 -19.36 18.96
CA PRO A 119 12.91 -18.05 19.26
C PRO A 119 13.01 -17.63 20.72
N LYS A 120 13.05 -18.59 21.64
CA LYS A 120 13.27 -18.34 23.05
C LYS A 120 14.58 -17.57 23.27
N THR A 121 15.70 -18.08 22.76
CA THR A 121 17.04 -17.51 23.00
C THR A 121 17.84 -17.33 21.71
N PRO A 122 17.48 -16.31 20.93
CA PRO A 122 18.06 -16.15 19.61
C PRO A 122 19.53 -15.78 19.69
N PHE A 123 20.27 -16.00 18.60
CA PHE A 123 21.63 -15.51 18.50
C PHE A 123 21.55 -13.99 18.40
N LEU A 124 22.57 -13.30 18.88
CA LEU A 124 22.62 -11.85 18.78
C LEU A 124 23.69 -11.48 17.74
N GLY A 125 23.22 -11.03 16.59
CA GLY A 125 24.10 -10.68 15.48
C GLY A 125 24.35 -9.19 15.35
N LYS A 126 25.32 -8.89 14.50
CA LYS A 126 25.73 -7.52 14.28
C LYS A 126 25.57 -7.22 12.80
N CYS A 127 24.81 -6.17 12.49
CA CYS A 127 24.68 -5.71 11.15
C CYS A 127 25.97 -5.08 10.61
N ILE A 128 26.52 -5.71 9.58
CA ILE A 128 27.78 -5.21 9.02
C ILE A 128 27.59 -4.61 7.65
N GLU A 129 26.42 -4.82 7.06
CA GLU A 129 26.13 -4.09 5.84
C GLU A 129 24.64 -3.97 5.57
N ASN A 130 24.27 -2.91 4.87
CA ASN A 130 22.89 -2.73 4.56
C ASN A 130 22.80 -1.82 3.37
N TYR A 131 22.57 -2.37 2.18
CA TYR A 131 22.55 -1.51 0.99
C TYR A 131 21.37 -1.68 0.04
N GLU A 132 21.05 -0.59 -0.65
CA GLU A 132 19.82 -0.50 -1.42
C GLU A 132 20.09 -1.30 -2.68
N LEU A 133 19.15 -2.15 -3.09
CA LEU A 133 19.24 -2.95 -4.31
C LEU A 133 18.48 -2.40 -5.52
N VAL A 134 17.52 -1.52 -5.29
CA VAL A 134 16.73 -0.92 -6.36
C VAL A 134 17.45 0.33 -6.83
N ASP A 135 17.80 0.36 -8.11
CA ASP A 135 18.52 1.51 -8.65
C ASP A 135 17.59 2.72 -8.81
N GLU A 136 18.19 3.87 -9.02
CA GLU A 136 17.43 5.10 -9.28
C GLU A 136 16.52 4.96 -10.49
N GLY A 137 15.28 5.40 -10.27
CA GLY A 137 14.18 5.20 -11.19
C GLY A 137 13.39 3.95 -10.86
N GLY A 138 13.86 3.09 -9.96
CA GLY A 138 13.06 1.92 -9.64
C GLY A 138 11.96 2.24 -8.64
N SER A 139 11.16 1.26 -8.28
CA SER A 139 10.08 1.45 -7.38
C SER A 139 10.36 0.66 -6.09
N GLY A 140 10.02 1.27 -4.96
CA GLY A 140 10.10 0.55 -3.70
C GLY A 140 11.50 0.51 -3.15
N THR A 141 11.68 -0.17 -2.02
CA THR A 141 13.01 -0.25 -1.49
C THR A 141 13.20 -1.71 -1.07
N VAL A 142 14.27 -2.29 -1.61
CA VAL A 142 14.71 -3.62 -1.19
C VAL A 142 16.16 -3.50 -0.85
N ARG A 143 16.53 -4.11 0.27
CA ARG A 143 17.86 -3.93 0.82
C ARG A 143 18.55 -5.24 1.07
N HIS A 144 19.86 -5.25 0.86
CA HIS A 144 20.69 -6.40 1.12
C HIS A 144 21.32 -6.15 2.48
N VAL A 145 20.98 -7.00 3.44
CA VAL A 145 21.39 -6.80 4.84
C VAL A 145 22.19 -7.99 5.28
N THR A 146 23.41 -7.74 5.75
CA THR A 146 24.33 -8.81 6.15
C THR A 146 24.69 -8.71 7.62
N PHE A 147 24.85 -9.86 8.25
CA PHE A 147 25.20 -9.90 9.66
C PHE A 147 26.40 -10.79 9.93
N ASP A 148 27.23 -10.35 10.84
CA ASP A 148 28.31 -11.15 11.38
C ASP A 148 27.66 -12.11 12.36
N ILE A 149 27.97 -13.40 12.25
CA ILE A 149 27.41 -14.43 13.12
C ILE A 149 28.53 -15.26 13.78
N SER A 150 29.76 -14.79 13.58
CA SER A 150 30.95 -15.52 13.94
C SER A 150 31.05 -15.83 15.44
N GLU A 151 30.28 -15.15 16.28
CA GLU A 151 30.28 -15.48 17.71
C GLU A 151 29.47 -16.69 18.13
N GLY A 152 28.60 -17.20 17.25
CA GLY A 152 27.74 -18.34 17.55
C GLY A 152 27.94 -19.53 16.61
N ASP A 153 27.11 -20.55 16.72
CA ASP A 153 27.24 -21.72 15.85
C ASP A 153 26.28 -21.69 14.68
N LEU A 154 25.76 -20.54 14.28
CA LEU A 154 24.83 -20.53 13.15
C LEU A 154 25.50 -21.10 11.89
N ARG A 155 24.99 -22.23 11.41
CA ARG A 155 25.47 -22.84 10.16
C ARG A 155 24.20 -23.04 9.37
N TYR A 156 24.29 -22.98 8.05
CA TYR A 156 23.08 -23.06 7.25
C TYR A 156 23.42 -23.54 5.84
N LEU A 157 22.39 -23.99 5.14
CA LEU A 157 22.52 -24.42 3.77
C LEU A 157 21.80 -23.48 2.84
N GLU A 158 22.14 -23.50 1.56
CA GLU A 158 21.51 -22.62 0.59
C GLU A 158 20.04 -23.03 0.44
N GLY A 159 19.13 -22.06 0.31
CA GLY A 159 17.69 -22.31 0.30
C GLY A 159 16.98 -22.25 1.64
N GLN A 160 17.70 -22.13 2.74
CA GLN A 160 17.06 -22.07 4.04
C GLN A 160 16.71 -20.63 4.44
N SER A 161 16.08 -20.47 5.59
CA SER A 161 15.66 -19.16 6.05
C SER A 161 16.12 -18.94 7.47
N ILE A 162 16.16 -17.68 7.87
CA ILE A 162 16.38 -17.37 9.29
C ILE A 162 15.25 -16.48 9.76
N GLY A 163 15.07 -16.48 11.08
CA GLY A 163 14.04 -15.66 11.68
C GLY A 163 14.69 -14.40 12.21
N ILE A 164 13.96 -13.28 12.13
CA ILE A 164 14.33 -12.08 12.86
C ILE A 164 13.20 -11.67 13.80
N ILE A 165 13.58 -11.35 15.04
CA ILE A 165 12.66 -10.79 16.02
C ILE A 165 12.92 -9.28 16.08
N PRO A 166 12.01 -8.50 15.50
CA PRO A 166 12.17 -7.05 15.58
C PRO A 166 12.00 -6.59 17.02
N PRO A 167 12.68 -5.53 17.42
CA PRO A 167 12.62 -5.09 18.82
C PRO A 167 11.27 -4.59 19.26
N GLY A 168 11.11 -4.41 20.57
CA GLY A 168 9.90 -3.81 21.12
C GLY A 168 8.91 -4.84 21.58
N GLU A 169 7.67 -4.39 21.79
CA GLU A 169 6.64 -5.26 22.34
C GLU A 169 5.29 -5.04 21.70
N ASP A 170 4.39 -5.97 21.96
CA ASP A 170 3.02 -5.82 21.52
C ASP A 170 2.23 -5.41 22.76
N LYS A 171 0.96 -5.06 22.51
CA LYS A 171 0.07 -4.48 23.50
C LYS A 171 0.17 -5.10 24.90
N ASN A 172 0.48 -6.39 24.99
CA ASN A 172 0.63 -7.03 26.30
C ASN A 172 2.04 -7.11 26.88
N GLY A 173 2.92 -6.23 26.42
CA GLY A 173 4.29 -6.14 26.95
C GLY A 173 5.08 -7.34 26.48
N LYS A 174 4.62 -7.89 25.37
CA LYS A 174 5.10 -9.15 24.84
C LYS A 174 6.04 -8.99 23.65
N PRO A 175 7.12 -9.78 23.57
CA PRO A 175 8.00 -9.76 22.40
C PRO A 175 7.28 -10.01 21.06
N HIS A 176 7.66 -9.32 19.99
CA HIS A 176 7.07 -9.61 18.68
C HIS A 176 7.41 -11.02 18.21
N LYS A 177 6.54 -11.61 17.38
CA LYS A 177 6.85 -12.84 16.67
C LYS A 177 7.99 -12.67 15.67
N LEU A 178 8.78 -13.71 15.51
CA LEU A 178 9.81 -13.67 14.48
C LEU A 178 9.11 -13.63 13.13
N ARG A 179 9.82 -13.02 12.18
CA ARG A 179 9.51 -13.12 10.77
C ARG A 179 10.66 -13.82 10.06
N LEU A 180 10.29 -14.67 9.09
CA LEU A 180 11.26 -15.43 8.30
C LEU A 180 11.70 -14.72 7.01
N TYR A 181 12.99 -14.78 6.76
CA TYR A 181 13.63 -14.21 5.59
C TYR A 181 14.51 -15.29 4.98
N SER A 182 14.37 -15.46 3.66
CA SER A 182 15.14 -16.47 2.96
C SER A 182 16.58 -15.96 2.98
N ILE A 183 17.50 -16.89 3.19
CA ILE A 183 18.90 -16.55 3.21
C ILE A 183 19.42 -16.30 1.78
N ALA A 184 20.03 -15.14 1.55
CA ALA A 184 20.47 -14.78 0.22
C ALA A 184 21.91 -15.14 -0.09
N SER A 185 22.65 -15.61 0.91
CA SER A 185 24.07 -15.96 0.77
C SER A 185 24.21 -17.48 0.81
N THR A 186 25.34 -17.95 0.27
CA THR A 186 25.76 -19.35 0.36
C THR A 186 26.11 -19.61 1.82
N ARG A 187 26.33 -20.89 2.15
CA ARG A 187 26.69 -21.32 3.51
C ARG A 187 27.88 -20.58 4.05
N HIS A 188 28.78 -20.15 3.17
CA HIS A 188 30.01 -19.48 3.54
C HIS A 188 29.78 -18.00 3.77
N GLY A 189 28.64 -17.44 3.35
CA GLY A 189 28.43 -16.01 3.46
C GLY A 189 29.10 -15.23 2.34
N ASP A 190 28.75 -13.97 2.18
CA ASP A 190 29.21 -13.18 1.05
C ASP A 190 30.70 -12.94 1.19
N MET A 191 31.21 -13.03 2.40
CA MET A 191 32.63 -12.82 2.56
C MET A 191 33.43 -14.07 2.36
N GLU A 192 32.77 -15.20 2.11
CA GLU A 192 33.42 -16.51 1.90
C GLU A 192 34.32 -16.94 3.05
N ASP A 193 33.95 -16.56 4.27
CA ASP A 193 34.75 -16.94 5.43
C ASP A 193 33.87 -17.60 6.48
N ASN A 194 32.68 -18.03 6.10
CA ASN A 194 31.77 -18.70 7.03
C ASN A 194 31.37 -17.88 8.25
N LYS A 195 31.54 -16.57 8.18
CA LYS A 195 31.33 -15.73 9.34
C LYS A 195 30.07 -14.90 9.22
N THR A 196 29.40 -14.94 8.08
CA THR A 196 28.26 -14.06 7.90
C THR A 196 27.04 -14.70 7.25
N VAL A 197 25.92 -13.98 7.32
CA VAL A 197 24.67 -14.37 6.65
C VAL A 197 24.02 -13.12 6.06
N SER A 198 23.37 -13.27 4.91
CA SER A 198 22.74 -12.12 4.29
C SER A 198 21.28 -12.38 3.98
N LEU A 199 20.51 -11.29 3.97
CA LEU A 199 19.10 -11.28 3.59
C LEU A 199 18.76 -10.25 2.50
N CYS A 200 17.62 -10.48 1.86
CA CYS A 200 17.13 -9.61 0.80
C CYS A 200 15.74 -9.21 1.26
N VAL A 201 15.64 -7.98 1.80
CA VAL A 201 14.44 -7.50 2.50
C VAL A 201 13.74 -6.34 1.79
N ARG A 202 12.46 -6.57 1.48
CA ARG A 202 11.58 -5.60 0.88
C ARG A 202 10.76 -4.93 1.96
N GLN A 203 10.67 -3.60 1.88
CA GLN A 203 9.85 -2.92 2.85
C GLN A 203 8.40 -3.04 2.48
N LEU A 204 7.63 -3.60 3.40
CA LEU A 204 6.19 -3.71 3.28
C LEU A 204 5.49 -2.41 3.65
N GLU A 205 4.64 -1.91 2.77
CA GLU A 205 3.75 -0.76 2.95
C GLU A 205 2.35 -1.14 2.50
N TYR A 206 1.37 -0.60 3.22
CA TYR A 206 0.00 -0.58 2.71
C TYR A 206 -0.78 0.59 3.31
N GLN A 207 -1.95 0.85 2.76
CA GLN A 207 -2.82 1.90 3.26
C GLN A 207 -4.12 1.35 3.82
N ASP A 208 -4.46 1.79 5.01
CA ASP A 208 -5.72 1.45 5.63
C ASP A 208 -6.91 1.91 4.80
N PRO A 209 -7.86 0.99 4.57
CA PRO A 209 -9.00 1.30 3.74
C PRO A 209 -10.03 2.24 4.33
N GLU A 210 -9.94 2.53 5.62
CA GLU A 210 -10.88 3.44 6.23
C GLU A 210 -10.22 4.79 6.49
N SER A 211 -9.10 4.82 7.21
CA SER A 211 -8.43 6.11 7.45
C SER A 211 -7.61 6.62 6.24
N GLY A 212 -7.17 5.73 5.35
CA GLY A 212 -6.17 6.11 4.37
C GLY A 212 -4.73 6.08 4.88
N GLU A 213 -4.48 5.86 6.17
CA GLU A 213 -3.13 5.98 6.73
C GLU A 213 -2.20 4.96 6.10
N THR A 214 -0.93 5.32 6.04
CA THR A 214 0.07 4.41 5.51
C THR A 214 0.60 3.63 6.70
N VAL A 215 0.78 2.33 6.49
CA VAL A 215 1.31 1.47 7.52
C VAL A 215 2.55 0.82 6.92
N TYR A 216 3.60 0.72 7.72
CA TYR A 216 4.85 0.08 7.32
C TYR A 216 4.98 -1.22 8.09
N GLY A 217 5.35 -2.30 7.43
CA GLY A 217 5.58 -3.53 8.16
C GLY A 217 6.59 -3.33 9.27
N VAL A 218 6.35 -3.94 10.41
CA VAL A 218 7.25 -3.78 11.54
C VAL A 218 8.65 -4.33 11.26
N CYS A 219 8.76 -5.62 10.95
CA CYS A 219 10.09 -6.17 10.83
C CYS A 219 10.85 -5.69 9.60
N SER A 220 10.17 -5.61 8.45
CA SER A 220 10.86 -5.14 7.26
C SER A 220 11.36 -3.68 7.37
N THR A 221 10.64 -2.86 8.13
CA THR A 221 11.05 -1.48 8.41
C THR A 221 12.26 -1.47 9.33
N TYR A 222 12.20 -2.32 10.35
CA TYR A 222 13.32 -2.47 11.24
C TYR A 222 14.59 -2.85 10.46
N LEU A 223 14.50 -3.80 9.57
CA LEU A 223 15.68 -4.23 8.86
C LEU A 223 16.12 -3.18 7.85
N CYS A 224 15.16 -2.63 7.10
CA CYS A 224 15.57 -1.65 6.08
C CYS A 224 16.24 -0.43 6.64
N ASN A 225 15.89 -0.06 7.86
CA ASN A 225 16.50 1.12 8.45
C ASN A 225 17.59 0.72 9.43
N LEU A 226 18.04 -0.54 9.41
CA LEU A 226 19.01 -0.99 10.39
C LEU A 226 20.39 -0.44 10.08
N PRO A 227 20.93 0.41 10.95
CA PRO A 227 22.24 0.96 10.68
C PRO A 227 23.33 -0.07 10.75
N VAL A 228 24.34 0.09 9.90
CA VAL A 228 25.55 -0.68 9.97
C VAL A 228 26.19 -0.36 11.31
N GLY A 229 26.71 -1.37 12.00
CA GLY A 229 27.26 -1.23 13.35
C GLY A 229 26.28 -1.73 14.39
N THR A 230 24.99 -1.79 14.08
CA THR A 230 24.00 -2.16 15.07
C THR A 230 24.15 -3.57 15.59
N ASP A 231 24.21 -3.69 16.90
CA ASP A 231 24.34 -4.99 17.55
C ASP A 231 23.00 -5.52 18.03
N ASP A 232 23.00 -6.69 18.69
CA ASP A 232 21.78 -7.15 19.37
C ASP A 232 20.66 -7.56 18.40
N VAL A 233 21.03 -8.01 17.21
CA VAL A 233 19.99 -8.43 16.28
C VAL A 233 19.62 -9.86 16.66
N LYS A 234 18.34 -10.08 16.93
CA LYS A 234 17.85 -11.38 17.36
C LYS A 234 17.53 -12.26 16.16
N ILE A 235 18.32 -13.30 16.02
CA ILE A 235 18.29 -14.19 14.87
C ILE A 235 17.99 -15.62 15.31
N THR A 236 17.12 -16.30 14.57
CA THR A 236 16.76 -17.68 14.91
C THR A 236 17.12 -18.70 13.84
N GLY A 237 17.49 -19.89 14.35
CA GLY A 237 18.32 -20.95 13.75
C GLY A 237 17.72 -21.33 12.43
N PRO A 238 18.52 -21.96 11.55
CA PRO A 238 18.03 -22.00 10.19
C PRO A 238 16.80 -22.89 10.10
N VAL A 239 15.91 -22.61 9.17
CA VAL A 239 14.73 -23.45 8.99
C VAL A 239 14.50 -23.73 7.51
N GLY A 240 13.85 -24.86 7.23
CA GLY A 240 13.51 -25.21 5.87
C GLY A 240 14.33 -26.34 5.30
N LYS A 241 13.63 -27.20 4.58
CA LYS A 241 14.22 -28.28 3.78
C LYS A 241 13.63 -28.30 2.39
N GLU A 242 12.60 -27.51 2.13
CA GLU A 242 11.90 -27.58 0.86
C GLU A 242 12.66 -26.94 -0.31
N MET A 243 13.46 -25.93 0.00
CA MET A 243 14.14 -25.17 -1.06
C MET A 243 15.64 -25.50 -1.15
N LEU A 244 16.05 -26.63 -0.63
CA LEU A 244 17.43 -27.06 -0.77
C LEU A 244 17.79 -27.41 -2.20
N LEU A 245 19.06 -27.24 -2.49
CA LEU A 245 19.62 -27.59 -3.79
C LEU A 245 19.78 -29.10 -3.86
N PRO A 246 19.53 -29.69 -5.04
CA PRO A 246 19.65 -31.15 -5.09
C PRO A 246 21.09 -31.63 -4.96
N ASP A 247 21.25 -32.88 -4.52
CA ASP A 247 22.60 -33.41 -4.45
C ASP A 247 23.16 -33.73 -5.83
N ASP A 248 22.31 -34.25 -6.71
CA ASP A 248 22.68 -34.44 -8.11
C ASP A 248 23.40 -33.21 -8.68
N GLU A 249 24.72 -33.29 -8.88
CA GLU A 249 25.49 -32.27 -9.60
C GLU A 249 25.12 -32.05 -11.07
N ASP A 250 24.38 -32.99 -11.65
CA ASP A 250 23.92 -32.96 -13.05
C ASP A 250 22.46 -32.50 -13.20
N ALA A 251 21.82 -32.14 -12.10
CA ALA A 251 20.43 -31.68 -12.13
C ALA A 251 20.22 -30.47 -13.00
N THR A 252 19.06 -30.43 -13.64
CA THR A 252 18.59 -29.22 -14.31
C THR A 252 17.76 -28.46 -13.28
N VAL A 253 18.09 -27.20 -13.07
CA VAL A 253 17.43 -26.42 -12.03
C VAL A 253 16.71 -25.23 -12.66
N VAL A 254 15.39 -25.19 -12.52
CA VAL A 254 14.57 -24.13 -13.07
C VAL A 254 14.07 -23.34 -11.86
N MET A 255 14.30 -22.03 -11.94
CA MET A 255 14.01 -21.15 -10.80
C MET A 255 13.15 -20.00 -11.27
N LEU A 256 11.95 -19.95 -10.69
CA LEU A 256 10.97 -18.93 -10.98
C LEU A 256 10.98 -17.95 -9.81
N ALA A 257 11.17 -16.67 -10.10
CA ALA A 257 11.31 -15.67 -9.05
C ALA A 257 10.63 -14.37 -9.39
N THR A 258 9.91 -13.82 -8.41
CA THR A 258 9.43 -12.44 -8.39
C THR A 258 9.95 -11.83 -7.10
N GLY A 259 10.38 -10.57 -7.19
CA GLY A 259 10.85 -9.78 -6.03
C GLY A 259 11.95 -10.37 -5.17
N THR A 260 11.73 -10.42 -3.86
CA THR A 260 12.70 -10.97 -2.89
C THR A 260 12.82 -12.48 -3.09
N GLY A 261 11.98 -13.03 -3.96
CA GLY A 261 12.03 -14.45 -4.25
C GLY A 261 13.31 -14.83 -4.93
N ILE A 262 14.04 -13.84 -5.40
CA ILE A 262 15.36 -14.08 -5.99
C ILE A 262 16.37 -14.65 -4.99
N ALA A 263 16.13 -14.38 -3.71
CA ALA A 263 17.12 -14.62 -2.65
C ALA A 263 17.75 -16.01 -2.58
N PRO A 264 16.96 -17.08 -2.42
CA PRO A 264 17.63 -18.39 -2.40
C PRO A 264 18.33 -18.72 -3.71
N PHE A 265 17.85 -18.15 -4.82
CA PHE A 265 18.49 -18.45 -6.11
C PHE A 265 19.82 -17.72 -6.27
N ARG A 266 19.95 -16.58 -5.61
CA ARG A 266 21.25 -15.93 -5.57
C ARG A 266 22.17 -16.90 -4.91
N ALA A 267 21.80 -17.42 -3.74
CA ALA A 267 22.58 -18.41 -3.03
C ALA A 267 22.90 -19.62 -3.90
N PHE A 268 21.89 -20.19 -4.54
CA PHE A 268 22.11 -21.33 -5.40
C PHE A 268 23.21 -21.00 -6.39
N LEU A 269 22.99 -19.90 -7.10
CA LEU A 269 23.82 -19.60 -8.24
C LEU A 269 25.29 -19.35 -7.88
N TRP A 270 25.50 -18.72 -6.73
CA TRP A 270 26.84 -18.44 -6.21
C TRP A 270 27.51 -19.78 -5.93
N ARG A 271 26.77 -20.69 -5.30
CA ARG A 271 27.27 -22.04 -5.10
C ARG A 271 27.57 -22.71 -6.43
N MET A 272 26.65 -22.60 -7.39
CA MET A 272 26.81 -23.26 -8.68
C MET A 272 27.97 -22.74 -9.52
N PHE A 273 28.05 -21.42 -9.71
CA PHE A 273 28.99 -20.83 -10.65
C PHE A 273 30.02 -19.84 -10.13
N LYS A 274 29.97 -19.47 -8.87
CA LYS A 274 30.87 -18.45 -8.35
C LYS A 274 31.80 -18.99 -7.28
N GLU A 275 31.66 -20.26 -6.90
CA GLU A 275 32.51 -20.86 -5.88
C GLU A 275 33.16 -22.14 -6.37
N GLN A 276 34.27 -22.50 -5.76
CA GLN A 276 34.93 -23.77 -6.05
C GLN A 276 34.88 -24.51 -4.73
N HIS A 277 34.44 -25.76 -4.75
CA HIS A 277 34.27 -26.54 -3.54
C HIS A 277 35.25 -27.70 -3.54
N GLU A 278 35.44 -28.32 -2.38
CA GLU A 278 36.34 -29.45 -2.38
C GLU A 278 35.63 -30.72 -2.82
N ASP A 279 34.31 -30.73 -2.82
CA ASP A 279 33.60 -31.93 -3.24
C ASP A 279 32.67 -31.67 -4.41
N TYR A 280 31.82 -30.66 -4.26
CA TYR A 280 30.75 -30.43 -5.20
C TYR A 280 31.24 -29.65 -6.43
N LYS A 281 30.61 -29.89 -7.58
CA LYS A 281 30.82 -29.08 -8.76
C LYS A 281 29.62 -29.28 -9.66
N PHE A 282 28.89 -28.21 -9.90
CA PHE A 282 27.66 -28.27 -10.66
C PHE A 282 28.02 -28.46 -12.12
N LYS A 283 27.41 -29.43 -12.79
CA LYS A 283 27.62 -29.65 -14.23
C LYS A 283 26.30 -29.67 -15.00
N GLY A 284 25.24 -29.22 -14.35
CA GLY A 284 23.92 -29.21 -14.96
C GLY A 284 23.56 -27.94 -15.72
N LYS A 285 22.27 -27.78 -15.96
CA LYS A 285 21.74 -26.60 -16.59
C LYS A 285 20.94 -25.88 -15.51
N ALA A 286 21.03 -24.56 -15.53
CA ALA A 286 20.31 -23.73 -14.59
C ALA A 286 19.64 -22.65 -15.40
N TRP A 287 18.36 -22.42 -15.12
CA TRP A 287 17.54 -21.43 -15.81
C TRP A 287 16.73 -20.63 -14.79
N LEU A 288 17.02 -19.34 -14.76
CA LEU A 288 16.33 -18.40 -13.89
C LEU A 288 15.43 -17.50 -14.73
N ILE A 289 14.19 -17.45 -14.27
CA ILE A 289 13.15 -16.62 -14.86
C ILE A 289 12.76 -15.72 -13.72
N PHE A 290 13.04 -14.43 -13.87
CA PHE A 290 12.97 -13.45 -12.79
C PHE A 290 12.09 -12.30 -13.26
N GLY A 291 11.13 -11.91 -12.43
CA GLY A 291 10.08 -10.97 -12.82
C GLY A 291 10.11 -9.77 -11.91
N VAL A 292 10.21 -8.61 -12.54
CA VAL A 292 10.33 -7.35 -11.84
C VAL A 292 9.73 -6.27 -12.72
N PRO A 293 9.31 -5.16 -12.13
CA PRO A 293 8.66 -4.16 -12.98
C PRO A 293 9.49 -3.32 -13.93
N TYR A 294 10.74 -3.07 -13.54
CA TYR A 294 11.66 -2.17 -14.22
C TYR A 294 13.08 -2.70 -14.17
N THR A 295 13.91 -2.34 -15.15
CA THR A 295 15.32 -2.71 -15.12
C THR A 295 16.00 -2.36 -13.79
N ALA A 296 15.70 -1.17 -13.28
CA ALA A 296 16.20 -0.73 -11.98
C ALA A 296 15.90 -1.67 -10.81
N ASN A 297 14.87 -2.49 -10.99
CA ASN A 297 14.35 -3.35 -9.96
C ASN A 297 14.92 -4.73 -10.11
N ILE A 298 15.80 -4.93 -11.08
CA ILE A 298 16.46 -6.24 -11.19
C ILE A 298 17.45 -6.37 -10.04
N LEU A 299 17.05 -7.08 -8.99
CA LEU A 299 17.92 -7.25 -7.81
C LEU A 299 19.16 -8.04 -8.13
N TYR A 300 20.34 -7.55 -7.78
CA TYR A 300 21.59 -8.24 -8.12
C TYR A 300 21.83 -8.38 -9.63
N LYS A 301 21.29 -7.49 -10.45
CA LYS A 301 21.51 -7.53 -11.90
C LYS A 301 22.95 -7.82 -12.38
N ASP A 302 23.89 -7.09 -11.83
CA ASP A 302 25.29 -7.26 -12.26
C ASP A 302 25.89 -8.64 -11.99
N ASP A 303 25.71 -9.20 -10.79
CA ASP A 303 26.03 -10.59 -10.50
C ASP A 303 25.50 -11.56 -11.56
N PHE A 304 24.19 -11.58 -11.73
CA PHE A 304 23.57 -12.57 -12.62
C PHE A 304 24.09 -12.45 -14.03
N GLU A 305 24.27 -11.20 -14.46
CA GLU A 305 24.65 -10.94 -15.84
C GLU A 305 26.08 -11.36 -16.08
N LYS A 306 26.90 -11.22 -15.05
CA LYS A 306 28.26 -11.70 -15.09
C LYS A 306 28.30 -13.22 -15.11
N MET A 307 27.48 -13.86 -14.27
CA MET A 307 27.42 -15.33 -14.31
C MET A 307 26.93 -15.83 -15.65
N ALA A 308 25.97 -15.12 -16.24
CA ALA A 308 25.48 -15.47 -17.57
C ALA A 308 26.58 -15.35 -18.63
N ALA A 309 27.33 -14.25 -18.62
CA ALA A 309 28.37 -14.07 -19.62
C ALA A 309 29.48 -15.12 -19.48
N GLU A 310 29.81 -15.49 -18.24
CA GLU A 310 30.82 -16.51 -17.96
C GLU A 310 30.40 -17.97 -18.00
N ASN A 311 29.09 -18.26 -18.03
CA ASN A 311 28.63 -19.63 -18.10
C ASN A 311 27.53 -19.69 -19.14
N PRO A 312 27.87 -19.33 -20.37
CA PRO A 312 26.92 -19.22 -21.45
C PRO A 312 26.23 -20.51 -21.86
N ASP A 313 26.64 -21.71 -21.45
CA ASP A 313 25.85 -22.88 -21.87
C ASP A 313 25.21 -23.63 -20.73
N ASN A 314 25.42 -23.14 -19.54
CA ASN A 314 24.94 -23.83 -18.36
C ASN A 314 24.01 -23.01 -17.52
N PHE A 315 24.05 -21.72 -17.80
CA PHE A 315 23.24 -20.74 -17.12
C PHE A 315 22.51 -19.87 -18.12
N ARG A 316 21.18 -19.90 -17.99
CA ARG A 316 20.26 -19.10 -18.78
C ARG A 316 19.47 -18.14 -17.88
N LEU A 317 19.50 -16.87 -18.28
CA LEU A 317 18.91 -15.80 -17.49
C LEU A 317 17.78 -15.25 -18.33
N THR A 318 16.52 -15.44 -17.92
CA THR A 318 15.39 -14.84 -18.59
C THR A 318 14.69 -13.83 -17.69
N TYR A 319 14.58 -12.61 -18.18
CA TYR A 319 13.86 -11.54 -17.51
C TYR A 319 12.43 -11.41 -17.97
N ALA A 320 11.60 -10.99 -17.02
CA ALA A 320 10.22 -10.56 -17.30
C ALA A 320 10.10 -9.16 -16.68
N ILE A 321 10.16 -8.12 -17.51
CA ILE A 321 10.16 -6.75 -16.98
C ILE A 321 8.84 -6.06 -17.27
N SER A 322 7.96 -6.04 -16.29
CA SER A 322 6.54 -5.77 -16.54
C SER A 322 6.22 -4.39 -17.14
N ARG A 323 6.91 -3.34 -16.69
CA ARG A 323 6.65 -2.02 -17.24
C ARG A 323 7.55 -1.69 -18.43
N GLU A 324 8.33 -2.63 -18.92
CA GLU A 324 9.23 -2.29 -20.04
C GLU A 324 9.09 -3.23 -21.24
N GLN A 325 8.45 -4.37 -21.06
CA GLN A 325 8.35 -5.38 -22.10
C GLN A 325 6.87 -5.68 -22.21
N LYS A 326 6.46 -5.81 -23.47
CA LYS A 326 5.08 -6.11 -23.86
C LYS A 326 4.81 -7.49 -24.47
N THR A 327 3.68 -8.05 -24.07
CA THR A 327 3.15 -9.23 -24.71
C THR A 327 2.67 -8.94 -26.13
N ALA A 328 2.55 -9.99 -26.93
CA ALA A 328 1.93 -9.91 -28.26
C ALA A 328 0.56 -9.21 -28.23
N ASP A 329 -0.29 -9.50 -27.24
CA ASP A 329 -1.54 -8.72 -27.00
C ASP A 329 -1.30 -7.26 -26.57
N GLY A 330 -0.06 -6.86 -26.33
CA GLY A 330 0.23 -5.54 -25.78
C GLY A 330 0.23 -5.48 -24.26
N GLY A 331 0.06 -6.60 -23.57
CA GLY A 331 0.02 -6.55 -22.11
C GLY A 331 1.40 -6.60 -21.47
N LYS A 332 1.45 -6.55 -20.14
CA LYS A 332 2.72 -6.55 -19.41
C LYS A 332 3.31 -7.96 -19.32
N VAL A 333 4.61 -8.09 -19.53
CA VAL A 333 5.23 -9.38 -19.39
C VAL A 333 5.59 -9.72 -17.95
N TYR A 334 4.98 -10.79 -17.45
CA TYR A 334 5.25 -11.35 -16.14
C TYR A 334 5.95 -12.69 -16.23
N VAL A 335 6.44 -13.21 -15.10
CA VAL A 335 7.01 -14.54 -15.10
C VAL A 335 6.08 -15.56 -15.80
N GLN A 336 4.78 -15.49 -15.51
CA GLN A 336 3.80 -16.39 -16.11
C GLN A 336 3.76 -16.24 -17.62
N SER A 337 4.02 -15.03 -18.14
CA SER A 337 4.12 -14.83 -19.60
C SER A 337 5.32 -15.60 -20.18
N ARG A 338 6.41 -15.70 -19.43
CA ARG A 338 7.56 -16.44 -19.94
C ARG A 338 7.30 -17.93 -19.91
N VAL A 339 6.62 -18.38 -18.86
CA VAL A 339 6.29 -19.78 -18.73
C VAL A 339 5.38 -20.17 -19.88
N SER A 340 4.42 -19.32 -20.22
CA SER A 340 3.60 -19.55 -21.40
C SER A 340 4.44 -19.56 -22.68
N GLU A 341 5.22 -18.52 -22.93
CA GLU A 341 6.05 -18.48 -24.14
C GLU A 341 6.93 -19.73 -24.32
N TYR A 342 7.43 -20.28 -23.21
CA TYR A 342 8.38 -21.38 -23.22
C TYR A 342 7.78 -22.65 -22.59
N ALA A 343 6.46 -22.76 -22.63
CA ALA A 343 5.74 -23.93 -22.13
C ALA A 343 6.21 -25.23 -22.73
N ASP A 344 6.43 -25.28 -24.04
CA ASP A 344 6.88 -26.51 -24.67
C ASP A 344 8.21 -26.89 -24.04
N GLU A 345 9.13 -25.94 -23.94
CA GLU A 345 10.48 -26.26 -23.47
C GLU A 345 10.47 -26.69 -22.01
N LEU A 346 9.63 -26.02 -21.23
CA LEU A 346 9.54 -26.35 -19.82
C LEU A 346 9.00 -27.76 -19.65
N PHE A 347 7.95 -28.11 -20.39
CA PHE A 347 7.43 -29.47 -20.29
C PHE A 347 8.44 -30.52 -20.74
N GLU A 348 9.14 -30.29 -21.84
CA GLU A 348 10.26 -31.14 -22.23
C GLU A 348 11.30 -31.32 -21.12
N MET A 349 11.59 -30.24 -20.42
CA MET A 349 12.52 -30.31 -19.32
C MET A 349 11.96 -31.06 -18.13
N ILE A 350 10.71 -30.77 -17.80
CA ILE A 350 10.05 -31.42 -16.67
C ILE A 350 10.00 -32.94 -16.86
N GLN A 351 10.02 -33.38 -18.11
CA GLN A 351 9.93 -34.80 -18.41
C GLN A 351 11.28 -35.48 -18.33
N LYS A 352 12.29 -34.79 -17.84
CA LYS A 352 13.54 -35.46 -17.51
C LYS A 352 13.47 -35.71 -15.99
N PRO A 353 14.02 -36.82 -15.52
CA PRO A 353 13.89 -37.09 -14.09
C PRO A 353 14.86 -36.25 -13.26
N ASN A 354 15.94 -35.78 -13.86
CA ASN A 354 16.93 -34.95 -13.16
C ASN A 354 16.52 -33.46 -12.99
N THR A 355 15.31 -33.08 -13.40
CA THR A 355 14.86 -31.69 -13.47
C THR A 355 14.09 -31.17 -12.24
N HIS A 356 14.57 -30.08 -11.64
CA HIS A 356 13.85 -29.53 -10.49
C HIS A 356 13.30 -28.16 -10.79
N VAL A 357 12.06 -27.91 -10.40
CA VAL A 357 11.49 -26.58 -10.52
C VAL A 357 11.30 -25.99 -9.15
N TYR A 358 11.74 -24.74 -9.01
CA TYR A 358 11.64 -23.97 -7.77
C TYR A 358 10.91 -22.69 -8.07
N MET A 359 10.05 -22.27 -7.15
CA MET A 359 9.26 -21.04 -7.25
C MET A 359 9.33 -20.30 -5.91
N CYS A 360 9.70 -19.04 -5.93
CA CYS A 360 9.82 -18.24 -4.73
C CYS A 360 9.49 -16.77 -4.93
N GLY A 361 8.83 -16.21 -3.93
CA GLY A 361 8.33 -14.84 -4.01
C GLY A 361 7.04 -14.71 -3.22
N LEU A 362 6.32 -13.62 -3.40
CA LEU A 362 5.03 -13.40 -2.73
C LEU A 362 3.96 -14.35 -3.29
N LYS A 363 3.05 -14.76 -2.39
CA LYS A 363 1.92 -15.64 -2.72
C LYS A 363 1.28 -15.24 -4.05
N GLY A 364 1.16 -13.97 -4.37
CA GLY A 364 0.52 -13.59 -5.60
C GLY A 364 1.16 -14.05 -6.90
N MET A 365 2.40 -14.54 -6.86
CA MET A 365 2.96 -15.09 -8.09
C MET A 365 2.40 -16.49 -8.35
N GLN A 366 1.80 -17.14 -7.39
CA GLN A 366 1.46 -18.55 -7.56
C GLN A 366 0.22 -18.83 -8.39
N PRO A 367 -0.93 -18.29 -7.99
CA PRO A 367 -2.08 -18.52 -8.83
C PRO A 367 -1.87 -18.39 -10.34
N PRO A 368 -1.41 -17.23 -10.82
CA PRO A 368 -1.24 -17.14 -12.26
C PRO A 368 -0.16 -18.06 -12.86
N ILE A 369 0.86 -18.41 -12.09
CA ILE A 369 1.82 -19.37 -12.62
C ILE A 369 1.22 -20.76 -12.68
N ASP A 370 0.50 -21.16 -11.63
CA ASP A 370 -0.13 -22.47 -11.61
C ASP A 370 -1.16 -22.56 -12.70
N GLU A 371 -1.84 -21.46 -12.97
CA GLU A 371 -2.79 -21.44 -14.09
C GLU A 371 -2.27 -21.42 -15.51
N THR A 372 -1.11 -20.81 -15.70
CA THR A 372 -0.47 -20.86 -16.98
C THR A 372 -0.07 -22.32 -17.20
N PHE A 373 0.57 -22.93 -16.24
CA PHE A 373 0.99 -24.31 -16.43
C PHE A 373 -0.23 -25.16 -16.80
N THR A 374 -1.29 -25.02 -16.02
CA THR A 374 -2.53 -25.74 -16.25
C THR A 374 -3.10 -25.53 -17.64
N ALA A 375 -3.24 -24.27 -18.03
CA ALA A 375 -3.77 -23.98 -19.35
C ALA A 375 -2.84 -24.51 -20.46
N GLU A 376 -1.54 -24.33 -20.29
CA GLU A 376 -0.61 -24.78 -21.34
C GLU A 376 -0.57 -26.31 -21.39
N ALA A 377 -0.85 -26.96 -20.27
CA ALA A 377 -0.94 -28.41 -20.21
C ALA A 377 -2.16 -28.93 -20.97
N GLU A 378 -3.35 -28.40 -20.70
CA GLU A 378 -4.58 -28.75 -21.42
C GLU A 378 -4.39 -28.58 -22.92
N LYS A 379 -3.91 -27.42 -23.34
CA LYS A 379 -3.59 -27.15 -24.75
C LYS A 379 -2.83 -28.31 -25.36
N ARG A 380 -2.00 -29.00 -24.58
CA ARG A 380 -1.18 -30.08 -25.11
C ARG A 380 -1.66 -31.47 -24.66
N GLY A 381 -2.93 -31.53 -24.28
CA GLY A 381 -3.51 -32.76 -23.80
C GLY A 381 -2.76 -33.37 -22.64
N LEU A 382 -2.02 -32.59 -21.87
CA LEU A 382 -1.33 -33.10 -20.70
C LEU A 382 -2.15 -32.72 -19.47
N ASN A 383 -1.87 -33.36 -18.34
CA ASN A 383 -2.58 -33.04 -17.08
C ASN A 383 -1.64 -32.52 -16.00
N TRP A 384 -1.73 -31.22 -15.76
CA TRP A 384 -0.73 -30.57 -14.93
C TRP A 384 -0.78 -30.90 -13.44
N GLU A 385 -1.97 -31.24 -12.94
CA GLU A 385 -2.13 -31.70 -11.58
C GLU A 385 -1.34 -32.98 -11.37
N GLU A 386 -1.46 -33.86 -12.37
CA GLU A 386 -0.75 -35.13 -12.43
C GLU A 386 0.74 -34.92 -12.33
N MET A 387 1.26 -34.13 -13.27
CA MET A 387 2.69 -33.90 -13.41
C MET A 387 3.24 -33.39 -12.11
N ARG A 388 2.50 -32.45 -11.54
CA ARG A 388 2.86 -31.83 -10.28
C ARG A 388 2.87 -32.79 -9.11
N ARG A 389 1.79 -33.56 -8.94
CA ARG A 389 1.75 -34.67 -7.99
C ARG A 389 3.03 -35.50 -8.06
N SER A 390 3.34 -36.04 -9.24
CA SER A 390 4.47 -36.94 -9.39
C SER A 390 5.76 -36.21 -9.10
N MET A 391 5.85 -34.97 -9.56
CA MET A 391 7.02 -34.16 -9.26
C MET A 391 7.23 -33.99 -7.77
N LYS A 392 6.15 -33.68 -7.08
CA LYS A 392 6.14 -33.61 -5.62
C LYS A 392 6.59 -34.92 -4.98
N LYS A 393 6.12 -36.05 -5.50
CA LYS A 393 6.54 -37.36 -5.00
C LYS A 393 8.01 -37.62 -5.27
N GLU A 394 8.51 -37.18 -6.42
CA GLU A 394 9.94 -37.32 -6.74
C GLU A 394 10.78 -36.22 -6.07
N HIS A 395 10.17 -35.36 -5.26
CA HIS A 395 10.78 -34.20 -4.60
C HIS A 395 11.52 -33.28 -5.59
N ARG A 396 10.91 -33.02 -6.73
CA ARG A 396 11.52 -32.21 -7.79
C ARG A 396 10.77 -30.89 -7.99
N TRP A 397 9.81 -30.59 -7.13
CA TRP A 397 8.97 -29.40 -7.30
C TRP A 397 8.91 -28.67 -5.96
N HIS A 398 9.40 -27.44 -5.92
CA HIS A 398 9.63 -26.76 -4.65
C HIS A 398 9.05 -25.38 -4.68
N VAL A 399 8.29 -25.03 -3.64
CA VAL A 399 7.55 -23.78 -3.58
C VAL A 399 7.72 -23.17 -2.20
N GLU A 400 8.17 -21.91 -2.15
CA GLU A 400 8.31 -21.11 -0.93
C GLU A 400 7.78 -19.75 -1.35
N VAL A 401 6.53 -19.53 -0.98
CA VAL A 401 5.80 -18.36 -1.39
C VAL A 401 5.18 -17.75 -0.15
N TYR A 402 5.17 -16.43 -0.05
CA TYR A 402 4.80 -15.83 1.23
C TYR A 402 4.11 -14.47 1.10
N SER B 111 -29.23 27.98 -10.20
CA SER B 111 -28.49 28.65 -9.10
C SER B 111 -27.28 27.83 -8.63
N VAL B 112 -27.37 26.50 -8.67
CA VAL B 112 -26.23 25.62 -8.36
C VAL B 112 -25.33 25.45 -9.58
N PRO B 113 -24.12 26.00 -9.56
CA PRO B 113 -23.23 25.78 -10.70
C PRO B 113 -22.76 24.33 -10.86
N VAL B 114 -22.66 23.87 -12.09
CA VAL B 114 -22.02 22.61 -12.42
C VAL B 114 -21.35 22.71 -13.79
N ASN B 115 -20.27 21.98 -13.98
CA ASN B 115 -19.62 21.89 -15.28
C ASN B 115 -19.37 23.20 -16.02
N ILE B 116 -19.02 24.26 -15.29
CA ILE B 116 -18.57 25.51 -15.89
C ILE B 116 -17.36 25.24 -16.77
N TYR B 117 -16.55 24.25 -16.39
CA TYR B 117 -15.52 23.71 -17.26
C TYR B 117 -15.75 22.22 -17.46
N ARG B 118 -15.67 21.79 -18.72
CA ARG B 118 -15.87 20.39 -19.09
C ARG B 118 -14.51 19.74 -19.32
N PRO B 119 -14.42 18.41 -19.16
CA PRO B 119 -13.18 17.66 -19.37
C PRO B 119 -12.54 17.92 -20.73
N LYS B 120 -13.36 18.18 -21.73
CA LYS B 120 -12.87 18.55 -23.05
C LYS B 120 -11.93 19.76 -23.03
N THR B 121 -12.35 20.85 -22.39
CA THR B 121 -11.56 22.09 -22.36
C THR B 121 -11.47 22.71 -20.97
N PRO B 122 -10.64 22.12 -20.11
CA PRO B 122 -10.61 22.54 -18.73
C PRO B 122 -10.09 23.96 -18.54
N PHE B 123 -10.37 24.54 -17.38
CA PHE B 123 -9.71 25.78 -16.95
C PHE B 123 -8.24 25.43 -16.63
N LEU B 124 -7.32 26.33 -16.94
CA LEU B 124 -5.91 26.15 -16.65
C LEU B 124 -5.56 27.05 -15.49
N GLY B 125 -5.33 26.41 -14.34
CA GLY B 125 -5.06 27.10 -13.10
C GLY B 125 -3.59 27.10 -12.72
N LYS B 126 -3.30 27.86 -11.69
CA LYS B 126 -1.94 28.01 -11.18
C LYS B 126 -1.94 27.65 -9.69
N CYS B 127 -1.05 26.71 -9.38
CA CYS B 127 -0.80 26.33 -8.00
C CYS B 127 -0.11 27.45 -7.25
N ILE B 128 -0.79 28.02 -6.26
CA ILE B 128 -0.21 29.08 -5.42
C ILE B 128 0.14 28.60 -4.02
N GLU B 129 -0.31 27.41 -3.65
CA GLU B 129 0.18 26.89 -2.38
C GLU B 129 0.03 25.37 -2.32
N ASN B 130 0.93 24.78 -1.55
CA ASN B 130 0.91 23.33 -1.45
C ASN B 130 1.66 22.95 -0.17
N TYR B 131 0.92 22.64 0.91
CA TYR B 131 1.60 22.39 2.16
C TYR B 131 1.14 21.14 2.86
N GLU B 132 2.02 20.60 3.70
CA GLU B 132 1.79 19.31 4.31
C GLU B 132 0.83 19.54 5.47
N LEU B 133 -0.19 18.69 5.58
CA LEU B 133 -1.14 18.70 6.70
C LEU B 133 -0.87 17.69 7.81
N VAL B 134 -0.06 16.66 7.54
CA VAL B 134 0.30 15.67 8.55
C VAL B 134 1.54 16.12 9.29
N ASP B 135 1.38 16.38 10.58
CA ASP B 135 2.46 16.82 11.46
C ASP B 135 3.45 15.68 11.64
N GLU B 136 4.60 16.03 12.20
CA GLU B 136 5.66 15.08 12.43
C GLU B 136 5.19 14.04 13.43
N GLY B 137 5.53 12.79 13.13
CA GLY B 137 5.06 11.60 13.85
C GLY B 137 3.83 11.01 13.20
N GLY B 138 3.17 11.75 12.31
CA GLY B 138 1.97 11.22 11.72
C GLY B 138 2.32 10.27 10.59
N SER B 139 1.29 9.70 9.98
CA SER B 139 1.51 8.70 8.94
C SER B 139 0.98 9.25 7.62
N GLY B 140 1.73 8.99 6.56
CA GLY B 140 1.20 9.27 5.23
C GLY B 140 1.46 10.73 4.90
N THR B 141 0.96 11.18 3.74
CA THR B 141 1.13 12.56 3.36
C THR B 141 -0.18 13.01 2.76
N VAL B 142 -0.71 14.08 3.34
CA VAL B 142 -1.89 14.75 2.85
C VAL B 142 -1.49 16.21 2.71
N ARG B 143 -1.91 16.78 1.60
CA ARG B 143 -1.52 18.13 1.25
C ARG B 143 -2.68 19.04 0.93
N HIS B 144 -2.53 20.27 1.39
CA HIS B 144 -3.48 21.33 1.08
C HIS B 144 -2.95 22.07 -0.13
N VAL B 145 -3.70 21.95 -1.22
CA VAL B 145 -3.30 22.47 -2.52
C VAL B 145 -4.29 23.53 -3.00
N THR B 146 -3.79 24.73 -3.22
CA THR B 146 -4.64 25.85 -3.54
C THR B 146 -4.26 26.41 -4.92
N PHE B 147 -5.28 26.74 -5.73
CA PHE B 147 -5.10 27.25 -7.08
C PHE B 147 -5.77 28.60 -7.27
N ASP B 148 -5.05 29.46 -7.97
CA ASP B 148 -5.61 30.72 -8.43
C ASP B 148 -6.46 30.37 -9.64
N ILE B 149 -7.71 30.80 -9.62
CA ILE B 149 -8.69 30.55 -10.68
C ILE B 149 -9.24 31.84 -11.29
N SER B 150 -8.65 32.96 -10.88
CA SER B 150 -9.16 34.30 -11.16
C SER B 150 -9.26 34.62 -12.65
N GLU B 151 -8.52 33.94 -13.51
CA GLU B 151 -8.66 34.18 -14.94
C GLU B 151 -9.91 33.61 -15.60
N GLY B 152 -10.67 32.75 -14.93
CA GLY B 152 -11.83 32.08 -15.54
C GLY B 152 -13.09 32.31 -14.74
N ASP B 153 -14.17 31.62 -15.09
CA ASP B 153 -15.43 31.80 -14.37
C ASP B 153 -15.70 30.71 -13.35
N LEU B 154 -14.70 29.98 -12.88
CA LEU B 154 -14.96 28.91 -11.92
C LEU B 154 -15.62 29.49 -10.66
N ARG B 155 -16.86 29.10 -10.39
CA ARG B 155 -17.61 29.51 -9.20
C ARG B 155 -18.04 28.16 -8.64
N TYR B 156 -18.18 28.07 -7.33
CA TYR B 156 -18.58 26.80 -6.73
C TYR B 156 -19.17 27.03 -5.36
N LEU B 157 -19.88 26.01 -4.88
CA LEU B 157 -20.50 26.05 -3.57
C LEU B 157 -19.78 25.07 -2.66
N GLU B 158 -19.98 25.26 -1.35
CA GLU B 158 -19.36 24.39 -0.35
C GLU B 158 -20.00 23.04 -0.49
N GLY B 159 -19.19 21.99 -0.38
CA GLY B 159 -19.62 20.62 -0.57
C GLY B 159 -19.41 20.04 -1.97
N GLN B 160 -19.04 20.88 -2.94
CA GLN B 160 -18.85 20.39 -4.29
C GLN B 160 -17.44 19.90 -4.50
N SER B 161 -17.21 19.32 -5.68
CA SER B 161 -15.91 18.80 -6.07
C SER B 161 -15.43 19.44 -7.36
N ILE B 162 -14.12 19.35 -7.59
CA ILE B 162 -13.59 19.70 -8.90
C ILE B 162 -12.75 18.56 -9.42
N GLY B 163 -12.64 18.51 -10.74
CA GLY B 163 -11.86 17.47 -11.37
C GLY B 163 -10.44 17.96 -11.63
N ILE B 164 -9.48 17.05 -11.53
CA ILE B 164 -8.13 17.30 -12.03
C ILE B 164 -7.75 16.25 -13.07
N ILE B 165 -7.15 16.73 -14.15
CA ILE B 165 -6.62 15.91 -15.22
C ILE B 165 -5.12 15.98 -15.07
N PRO B 166 -4.51 14.89 -14.59
CA PRO B 166 -3.06 14.83 -14.42
C PRO B 166 -2.42 14.78 -15.78
N PRO B 167 -1.20 15.33 -15.93
CA PRO B 167 -0.55 15.38 -17.22
C PRO B 167 -0.13 14.02 -17.72
N GLY B 168 0.22 13.98 -19.01
CA GLY B 168 0.73 12.78 -19.63
C GLY B 168 -0.36 11.97 -20.28
N GLU B 169 -0.04 10.73 -20.60
CA GLU B 169 -0.92 9.92 -21.43
C GLU B 169 -1.04 8.51 -20.91
N ASP B 170 -1.99 7.80 -21.47
CA ASP B 170 -2.06 6.38 -21.21
C ASP B 170 -1.54 5.68 -22.45
N LYS B 171 -1.43 4.35 -22.36
CA LYS B 171 -0.86 3.54 -23.43
C LYS B 171 -1.26 3.87 -24.87
N ASN B 172 -2.47 4.40 -25.10
CA ASN B 172 -2.88 4.76 -26.46
C ASN B 172 -2.64 6.21 -26.88
N GLY B 173 -1.77 6.92 -26.16
CA GLY B 173 -1.42 8.31 -26.47
C GLY B 173 -2.57 9.19 -26.06
N LYS B 174 -3.33 8.70 -25.08
CA LYS B 174 -4.59 9.30 -24.65
C LYS B 174 -4.49 10.02 -23.31
N PRO B 175 -5.11 11.22 -23.20
CA PRO B 175 -5.09 11.98 -21.94
C PRO B 175 -5.64 11.12 -20.79
N HIS B 176 -5.14 11.27 -19.57
CA HIS B 176 -5.71 10.55 -18.44
C HIS B 176 -7.14 11.04 -18.16
N LYS B 177 -7.93 10.23 -17.48
CA LYS B 177 -9.25 10.64 -16.98
C LYS B 177 -9.09 11.60 -15.80
N LEU B 178 -10.06 12.48 -15.64
CA LEU B 178 -10.06 13.32 -14.45
C LEU B 178 -10.30 12.47 -13.20
N ARG B 179 -9.71 12.94 -12.12
CA ARG B 179 -10.07 12.50 -10.78
C ARG B 179 -10.77 13.63 -10.06
N LEU B 180 -11.77 13.29 -9.26
CA LEU B 180 -12.50 14.28 -8.50
C LEU B 180 -11.88 14.46 -7.12
N TYR B 181 -11.85 15.73 -6.70
CA TYR B 181 -11.39 16.12 -5.38
C TYR B 181 -12.40 17.04 -4.72
N SER B 182 -12.77 16.73 -3.48
CA SER B 182 -13.71 17.58 -2.74
C SER B 182 -13.08 18.94 -2.47
N ILE B 183 -13.83 20.00 -2.71
CA ILE B 183 -13.32 21.34 -2.49
C ILE B 183 -13.22 21.56 -0.97
N ALA B 184 -12.07 22.02 -0.51
CA ALA B 184 -11.86 22.17 0.92
C ALA B 184 -11.98 23.60 1.41
N SER B 185 -12.28 24.53 0.51
CA SER B 185 -12.47 25.95 0.80
C SER B 185 -13.92 26.39 0.63
N THR B 186 -14.31 27.53 1.21
CA THR B 186 -15.61 28.13 0.93
C THR B 186 -15.63 28.67 -0.49
N ARG B 187 -16.79 29.11 -0.94
CA ARG B 187 -16.97 29.70 -2.28
C ARG B 187 -16.01 30.86 -2.52
N HIS B 188 -15.63 31.52 -1.44
CA HIS B 188 -14.77 32.68 -1.55
C HIS B 188 -13.30 32.30 -1.57
N GLY B 189 -13.00 31.03 -1.28
CA GLY B 189 -11.62 30.58 -1.30
C GLY B 189 -10.93 30.91 0.00
N ASP B 190 -9.79 30.29 0.29
CA ASP B 190 -9.09 30.55 1.54
C ASP B 190 -8.67 32.02 1.72
N MET B 191 -8.41 32.73 0.64
CA MET B 191 -8.02 34.14 0.75
C MET B 191 -9.21 35.06 0.85
N GLU B 192 -10.44 34.53 0.76
CA GLU B 192 -11.66 35.33 0.91
C GLU B 192 -11.84 36.42 -0.13
N ASP B 193 -11.36 36.19 -1.35
CA ASP B 193 -11.43 37.14 -2.44
C ASP B 193 -12.01 36.51 -3.71
N ASN B 194 -12.66 35.37 -3.55
CA ASN B 194 -13.27 34.69 -4.66
C ASN B 194 -12.33 34.37 -5.80
N LYS B 195 -11.02 34.31 -5.54
CA LYS B 195 -10.03 34.10 -6.58
C LYS B 195 -9.35 32.75 -6.54
N THR B 196 -9.71 31.93 -5.55
CA THR B 196 -9.02 30.66 -5.41
C THR B 196 -9.90 29.48 -5.04
N VAL B 197 -9.31 28.28 -5.13
CA VAL B 197 -9.99 27.08 -4.71
C VAL B 197 -8.96 26.13 -4.09
N SER B 198 -9.34 25.42 -3.04
CA SER B 198 -8.39 24.53 -2.38
C SER B 198 -8.86 23.09 -2.29
N LEU B 199 -7.89 22.18 -2.37
CA LEU B 199 -8.13 20.76 -2.19
C LEU B 199 -7.35 20.17 -1.02
N CYS B 200 -7.79 19.00 -0.59
CA CYS B 200 -7.15 18.25 0.47
C CYS B 200 -6.80 16.88 -0.14
N VAL B 201 -5.52 16.69 -0.42
CA VAL B 201 -5.14 15.53 -1.22
C VAL B 201 -4.25 14.54 -0.51
N ARG B 202 -4.68 13.29 -0.48
CA ARG B 202 -3.95 12.19 0.14
C ARG B 202 -3.29 11.41 -0.97
N GLN B 203 -1.99 11.20 -0.79
CA GLN B 203 -1.24 10.38 -1.69
C GLN B 203 -1.58 8.89 -1.50
N LEU B 204 -2.06 8.31 -2.60
CA LEU B 204 -2.43 6.90 -2.67
C LEU B 204 -1.18 6.09 -3.02
N GLU B 205 -0.88 5.07 -2.18
CA GLU B 205 0.19 4.11 -2.38
C GLU B 205 -0.26 2.70 -2.07
N TYR B 206 0.09 1.74 -2.91
CA TYR B 206 -0.13 0.37 -2.56
C TYR B 206 0.99 -0.48 -3.13
N GLN B 207 1.00 -1.74 -2.75
CA GLN B 207 1.98 -2.68 -3.23
C GLN B 207 1.35 -3.80 -4.08
N ASP B 208 1.97 -4.09 -5.22
CA ASP B 208 1.54 -5.19 -6.06
C ASP B 208 1.67 -6.52 -5.32
N PRO B 209 0.62 -7.34 -5.37
CA PRO B 209 0.65 -8.63 -4.66
C PRO B 209 1.56 -9.69 -5.30
N GLU B 210 2.00 -9.46 -6.53
CA GLU B 210 2.89 -10.44 -7.17
C GLU B 210 4.34 -9.95 -7.11
N SER B 211 4.58 -8.74 -7.62
CA SER B 211 5.97 -8.27 -7.66
C SER B 211 6.45 -7.65 -6.37
N GLY B 212 5.53 -7.21 -5.51
CA GLY B 212 5.92 -6.46 -4.32
C GLY B 212 6.18 -4.99 -4.60
N GLU B 213 6.14 -4.55 -5.86
CA GLU B 213 6.47 -3.16 -6.15
C GLU B 213 5.48 -2.19 -5.54
N THR B 214 5.98 -0.99 -5.27
CA THR B 214 5.15 0.10 -4.77
C THR B 214 4.59 0.93 -5.92
N VAL B 215 3.31 1.24 -5.84
CA VAL B 215 2.60 1.97 -6.88
C VAL B 215 2.06 3.24 -6.25
N TYR B 216 2.25 4.37 -6.94
CA TYR B 216 1.77 5.65 -6.45
C TYR B 216 0.63 6.10 -7.34
N GLY B 217 -0.52 6.41 -6.79
CA GLY B 217 -1.60 6.89 -7.65
C GLY B 217 -1.08 7.99 -8.53
N VAL B 218 -1.56 8.01 -9.77
CA VAL B 218 -1.12 9.01 -10.75
C VAL B 218 -1.47 10.45 -10.39
N CYS B 219 -2.75 10.73 -10.18
CA CYS B 219 -3.16 12.11 -9.92
C CYS B 219 -2.85 12.60 -8.52
N SER B 220 -2.93 11.75 -7.50
CA SER B 220 -2.55 12.23 -6.16
C SER B 220 -1.05 12.49 -6.02
N THR B 221 -0.23 11.76 -6.76
CA THR B 221 1.20 11.97 -6.76
C THR B 221 1.49 13.26 -7.49
N TYR B 222 0.81 13.44 -8.61
CA TYR B 222 0.93 14.68 -9.36
C TYR B 222 0.61 15.87 -8.49
N LEU B 223 -0.52 15.84 -7.81
CA LEU B 223 -0.87 16.97 -6.93
C LEU B 223 0.03 17.11 -5.72
N CYS B 224 0.34 16.03 -5.00
CA CYS B 224 1.19 16.22 -3.82
C CYS B 224 2.58 16.73 -4.13
N ASN B 225 3.05 16.48 -5.34
CA ASN B 225 4.39 16.97 -5.68
C ASN B 225 4.29 18.23 -6.50
N LEU B 226 3.11 18.84 -6.56
CA LEU B 226 2.95 20.01 -7.41
C LEU B 226 3.65 21.23 -6.84
N PRO B 227 4.74 21.68 -7.50
CA PRO B 227 5.42 22.85 -6.95
C PRO B 227 4.58 24.12 -7.04
N VAL B 228 4.69 24.96 -6.01
CA VAL B 228 4.13 26.30 -6.05
C VAL B 228 4.69 27.08 -7.23
N GLY B 229 3.81 27.77 -7.94
CA GLY B 229 4.22 28.46 -9.17
C GLY B 229 3.86 27.70 -10.44
N THR B 230 3.53 26.41 -10.34
CA THR B 230 3.22 25.61 -11.49
C THR B 230 1.91 26.01 -12.16
N ASP B 231 2.01 26.28 -13.46
CA ASP B 231 0.87 26.68 -14.26
C ASP B 231 0.31 25.49 -15.02
N ASP B 232 -0.75 25.73 -15.79
CA ASP B 232 -1.29 24.69 -16.67
C ASP B 232 -1.95 23.53 -15.91
N VAL B 233 -2.60 23.83 -14.80
CA VAL B 233 -3.31 22.79 -14.08
C VAL B 233 -4.74 22.70 -14.62
N LYS B 234 -5.05 21.52 -15.15
CA LYS B 234 -6.32 21.30 -15.85
C LYS B 234 -7.42 20.96 -14.85
N ILE B 235 -8.34 21.89 -14.71
CA ILE B 235 -9.37 21.79 -13.70
C ILE B 235 -10.72 21.76 -14.40
N THR B 236 -11.65 20.94 -13.91
CA THR B 236 -12.97 20.85 -14.52
C THR B 236 -14.06 21.22 -13.53
N GLY B 237 -15.14 21.75 -14.12
CA GLY B 237 -16.13 22.66 -13.51
C GLY B 237 -16.77 22.00 -12.32
N PRO B 238 -17.41 22.77 -11.45
CA PRO B 238 -17.73 22.12 -10.18
C PRO B 238 -18.76 21.00 -10.37
N VAL B 239 -18.77 19.97 -9.52
CA VAL B 239 -19.77 18.91 -9.65
C VAL B 239 -20.30 18.54 -8.27
N GLY B 240 -21.51 18.02 -8.24
CA GLY B 240 -22.13 17.56 -7.01
C GLY B 240 -23.21 18.45 -6.44
N LYS B 241 -24.26 17.84 -5.95
CA LYS B 241 -25.34 18.54 -5.27
C LYS B 241 -25.63 17.78 -3.99
N GLU B 242 -25.03 16.61 -3.79
CA GLU B 242 -25.41 15.76 -2.68
C GLU B 242 -24.89 16.25 -1.34
N MET B 243 -23.78 16.97 -1.38
CA MET B 243 -23.11 17.36 -0.16
C MET B 243 -23.23 18.85 0.09
N LEU B 244 -24.23 19.47 -0.52
CA LEU B 244 -24.47 20.88 -0.23
C LEU B 244 -25.01 21.14 1.16
N LEU B 245 -24.74 22.33 1.65
CA LEU B 245 -25.16 22.73 2.98
C LEU B 245 -26.64 23.07 2.88
N PRO B 246 -27.44 22.76 3.91
CA PRO B 246 -28.86 23.10 3.78
C PRO B 246 -29.10 24.60 3.85
N ASP B 247 -30.23 25.03 3.28
CA ASP B 247 -30.58 26.45 3.34
C ASP B 247 -30.99 26.86 4.75
N ASP B 248 -31.77 26.00 5.40
CA ASP B 248 -32.14 26.21 6.78
C ASP B 248 -30.93 26.64 7.61
N GLU B 249 -30.90 27.92 8.01
CA GLU B 249 -29.87 28.46 8.93
C GLU B 249 -29.93 27.84 10.33
N ASP B 250 -31.05 27.19 10.66
CA ASP B 250 -31.27 26.59 11.96
C ASP B 250 -30.98 25.08 11.98
N ALA B 251 -30.60 24.54 10.83
CA ALA B 251 -30.35 23.12 10.73
C ALA B 251 -29.34 22.63 11.75
N THR B 252 -29.54 21.39 12.19
CA THR B 252 -28.54 20.64 12.93
C THR B 252 -27.74 19.84 11.89
N VAL B 253 -26.42 20.01 11.88
CA VAL B 253 -25.58 19.38 10.88
C VAL B 253 -24.57 18.42 11.50
N VAL B 254 -24.73 17.13 11.21
CA VAL B 254 -23.85 16.11 11.75
C VAL B 254 -22.95 15.66 10.62
N MET B 255 -21.65 15.66 10.90
CA MET B 255 -20.65 15.41 9.88
C MET B 255 -19.71 14.35 10.39
N LEU B 256 -19.71 13.23 9.68
CA LEU B 256 -18.87 12.08 9.97
C LEU B 256 -17.75 12.02 8.93
N ALA B 257 -16.51 12.06 9.39
CA ALA B 257 -15.38 12.20 8.47
C ALA B 257 -14.24 11.30 8.87
N THR B 258 -13.66 10.66 7.86
CA THR B 258 -12.34 10.00 7.99
C THR B 258 -11.46 10.60 6.90
N GLY B 259 -10.17 10.71 7.20
CA GLY B 259 -9.20 11.25 6.25
C GLY B 259 -9.58 12.54 5.53
N THR B 260 -9.48 12.47 4.20
CA THR B 260 -9.69 13.59 3.32
C THR B 260 -11.17 13.89 3.26
N GLY B 261 -11.97 13.00 3.84
CA GLY B 261 -13.39 13.30 3.99
C GLY B 261 -13.65 14.55 4.82
N ILE B 262 -12.67 14.99 5.60
CA ILE B 262 -12.84 16.23 6.34
C ILE B 262 -13.07 17.44 5.43
N ALA B 263 -12.58 17.38 4.20
CA ALA B 263 -12.55 18.51 3.27
C ALA B 263 -13.83 19.38 3.11
N PRO B 264 -14.97 18.78 2.72
CA PRO B 264 -16.14 19.63 2.58
C PRO B 264 -16.59 20.18 3.91
N PHE B 265 -16.38 19.47 5.00
CA PHE B 265 -16.75 20.02 6.29
C PHE B 265 -15.87 21.18 6.74
N ARG B 266 -14.61 21.21 6.32
CA ARG B 266 -13.82 22.38 6.53
C ARG B 266 -14.59 23.54 5.89
N ALA B 267 -14.97 23.37 4.62
CA ALA B 267 -15.72 24.40 3.90
C ALA B 267 -16.94 24.82 4.69
N PHE B 268 -17.81 23.85 4.97
CA PHE B 268 -19.03 24.08 5.76
C PHE B 268 -18.72 24.95 6.97
N LEU B 269 -17.75 24.51 7.77
CA LEU B 269 -17.51 25.13 9.07
C LEU B 269 -16.97 26.56 8.97
N TRP B 270 -16.14 26.83 7.97
CA TRP B 270 -15.66 28.19 7.66
C TRP B 270 -16.87 29.07 7.38
N ARG B 271 -17.76 28.58 6.53
CA ARG B 271 -18.98 29.29 6.19
C ARG B 271 -19.80 29.52 7.43
N MET B 272 -19.99 28.46 8.20
CA MET B 272 -20.78 28.56 9.42
C MET B 272 -20.23 29.51 10.46
N PHE B 273 -18.96 29.36 10.83
CA PHE B 273 -18.42 30.10 11.96
C PHE B 273 -17.26 31.06 11.73
N LYS B 274 -16.68 31.10 10.54
CA LYS B 274 -15.50 31.91 10.31
C LYS B 274 -15.75 33.09 9.38
N GLU B 275 -16.92 33.13 8.77
CA GLU B 275 -17.24 34.18 7.82
C GLU B 275 -18.53 34.90 8.19
N GLN B 276 -18.64 36.12 7.69
CA GLN B 276 -19.84 36.93 7.88
C GLN B 276 -20.37 37.09 6.46
N HIS B 277 -21.66 36.86 6.27
CA HIS B 277 -22.22 36.93 4.92
C HIS B 277 -23.23 38.05 4.91
N GLU B 278 -23.64 38.48 3.74
CA GLU B 278 -24.64 39.53 3.73
C GLU B 278 -26.04 39.00 3.92
N ASP B 279 -26.25 37.71 3.68
CA ASP B 279 -27.57 37.16 3.85
C ASP B 279 -27.68 36.05 4.88
N TYR B 280 -26.77 35.09 4.78
CA TYR B 280 -26.82 33.89 5.59
C TYR B 280 -26.15 34.09 6.96
N LYS B 281 -26.66 33.39 7.97
CA LYS B 281 -26.02 33.33 9.28
C LYS B 281 -26.49 32.04 9.95
N PHE B 282 -25.54 31.16 10.25
CA PHE B 282 -25.84 29.87 10.85
C PHE B 282 -26.13 29.99 12.35
N LYS B 283 -27.30 29.55 12.77
CA LYS B 283 -27.73 29.61 14.17
C LYS B 283 -28.07 28.21 14.69
N GLY B 284 -27.64 27.18 13.97
CA GLY B 284 -27.93 25.81 14.38
C GLY B 284 -26.87 25.18 15.26
N LYS B 285 -26.90 23.85 15.27
CA LYS B 285 -25.92 23.04 15.99
C LYS B 285 -25.13 22.25 14.95
N ALA B 286 -23.82 22.20 15.12
CA ALA B 286 -22.95 21.49 14.21
C ALA B 286 -22.07 20.60 15.06
N TRP B 287 -21.98 19.35 14.63
CA TRP B 287 -21.24 18.30 15.34
C TRP B 287 -20.41 17.51 14.34
N LEU B 288 -19.10 17.58 14.56
CA LEU B 288 -18.14 16.92 13.72
C LEU B 288 -17.57 15.74 14.48
N ILE B 289 -17.59 14.59 13.83
CA ILE B 289 -16.96 13.39 14.34
C ILE B 289 -15.98 13.02 13.25
N PHE B 290 -14.68 13.07 13.60
CA PHE B 290 -13.54 13.01 12.70
C PHE B 290 -12.58 11.92 13.18
N GLY B 291 -12.17 11.05 12.27
CA GLY B 291 -11.49 9.82 12.65
C GLY B 291 -10.19 9.76 11.90
N VAL B 292 -9.13 9.64 12.69
CA VAL B 292 -7.77 9.60 12.17
C VAL B 292 -6.98 8.70 13.10
N PRO B 293 -5.82 8.19 12.64
CA PRO B 293 -4.99 7.37 13.51
C PRO B 293 -4.18 8.02 14.62
N TYR B 294 -3.75 9.27 14.44
CA TYR B 294 -2.84 9.93 15.37
C TYR B 294 -3.21 11.38 15.48
N THR B 295 -2.91 12.01 16.61
CA THR B 295 -3.14 13.44 16.75
C THR B 295 -2.46 14.18 15.59
N ALA B 296 -1.25 13.79 15.22
CA ALA B 296 -0.54 14.42 14.10
C ALA B 296 -1.33 14.39 12.81
N ASN B 297 -2.26 13.45 12.70
CA ASN B 297 -3.03 13.25 11.50
C ASN B 297 -4.32 14.06 11.48
N ILE B 298 -4.60 14.81 12.55
CA ILE B 298 -5.82 15.59 12.59
C ILE B 298 -5.66 16.75 11.61
N LEU B 299 -6.20 16.59 10.42
CA LEU B 299 -6.07 17.63 9.41
C LEU B 299 -6.79 18.89 9.86
N TYR B 300 -6.18 20.07 9.70
CA TYR B 300 -6.71 21.37 10.14
C TYR B 300 -7.06 21.40 11.65
N LYS B 301 -6.37 20.59 12.45
CA LYS B 301 -6.58 20.57 13.90
C LYS B 301 -6.79 21.98 14.48
N ASP B 302 -5.90 22.90 14.15
CA ASP B 302 -5.87 24.22 14.78
C ASP B 302 -7.12 25.01 14.44
N ASP B 303 -7.44 25.10 13.15
CA ASP B 303 -8.71 25.64 12.66
C ASP B 303 -9.91 25.19 13.52
N PHE B 304 -10.10 23.86 13.57
CA PHE B 304 -11.27 23.29 14.22
C PHE B 304 -11.33 23.58 15.72
N GLU B 305 -10.18 23.51 16.37
CA GLU B 305 -10.14 23.68 17.80
C GLU B 305 -10.46 25.11 18.16
N LYS B 306 -9.98 26.04 17.33
CA LYS B 306 -10.27 27.45 17.49
C LYS B 306 -11.77 27.67 17.33
N MET B 307 -12.37 27.10 16.29
CA MET B 307 -13.82 27.26 16.12
C MET B 307 -14.60 26.63 17.27
N ALA B 308 -14.08 25.51 17.79
CA ALA B 308 -14.70 24.89 18.95
C ALA B 308 -14.61 25.76 20.20
N ALA B 309 -13.46 26.39 20.45
CA ALA B 309 -13.32 27.23 21.65
C ALA B 309 -14.23 28.46 21.52
N GLU B 310 -14.28 29.06 20.34
CA GLU B 310 -15.07 30.26 20.07
C GLU B 310 -16.57 30.04 19.90
N ASN B 311 -17.02 28.82 19.66
CA ASN B 311 -18.44 28.59 19.44
C ASN B 311 -18.86 27.41 20.29
N PRO B 312 -18.58 27.53 21.60
CA PRO B 312 -18.73 26.44 22.54
C PRO B 312 -20.15 25.94 22.64
N ASP B 313 -21.13 26.69 22.14
CA ASP B 313 -22.52 26.28 22.28
C ASP B 313 -23.14 25.78 20.98
N ASN B 314 -22.45 25.96 19.86
CA ASN B 314 -23.06 25.65 18.57
C ASN B 314 -22.25 24.67 17.74
N PHE B 315 -21.03 24.46 18.20
CA PHE B 315 -20.09 23.60 17.54
C PHE B 315 -19.51 22.65 18.57
N ARG B 316 -19.66 21.37 18.26
CA ARG B 316 -19.08 20.29 19.02
C ARG B 316 -18.10 19.49 18.15
N LEU B 317 -16.89 19.30 18.65
CA LEU B 317 -15.83 18.59 17.94
C LEU B 317 -15.56 17.26 18.66
N THR B 318 -15.80 16.15 17.99
CA THR B 318 -15.45 14.87 18.57
C THR B 318 -14.38 14.20 17.73
N TYR B 319 -13.31 13.78 18.40
CA TYR B 319 -12.28 13.01 17.73
C TYR B 319 -12.38 11.53 17.99
N ALA B 320 -11.92 10.77 17.01
CA ALA B 320 -11.73 9.33 17.13
C ALA B 320 -10.30 9.09 16.67
N ILE B 321 -9.39 8.93 17.62
CA ILE B 321 -7.99 8.80 17.25
C ILE B 321 -7.56 7.37 17.45
N SER B 322 -7.45 6.61 16.36
CA SER B 322 -7.41 5.14 16.42
C SER B 322 -6.21 4.51 17.11
N ARG B 323 -5.03 5.09 16.95
CA ARG B 323 -3.84 4.57 17.63
C ARG B 323 -3.51 5.28 18.92
N GLU B 324 -4.39 6.13 19.43
CA GLU B 324 -4.12 6.80 20.72
C GLU B 324 -5.22 6.58 21.76
N GLN B 325 -6.44 6.27 21.31
CA GLN B 325 -7.59 6.21 22.19
C GLN B 325 -8.10 4.80 22.17
N LYS B 326 -8.53 4.34 23.35
CA LYS B 326 -8.95 2.96 23.51
C LYS B 326 -10.42 2.82 23.88
N THR B 327 -11.08 1.85 23.25
CA THR B 327 -12.43 1.41 23.58
C THR B 327 -12.42 0.70 24.93
N ALA B 328 -13.59 0.56 25.54
CA ALA B 328 -13.74 -0.25 26.74
C ALA B 328 -13.18 -1.66 26.56
N ASP B 329 -13.48 -2.35 25.45
CA ASP B 329 -12.85 -3.65 25.11
C ASP B 329 -11.33 -3.56 24.95
N GLY B 330 -10.80 -2.34 24.99
CA GLY B 330 -9.39 -2.08 24.74
C GLY B 330 -9.00 -1.90 23.28
N GLY B 331 -9.99 -1.82 22.39
CA GLY B 331 -9.72 -1.67 20.96
C GLY B 331 -9.54 -0.26 20.46
N LYS B 332 -9.34 -0.15 19.15
CA LYS B 332 -9.09 1.14 18.53
C LYS B 332 -10.36 1.91 18.31
N VAL B 333 -10.36 3.16 18.75
CA VAL B 333 -11.51 4.02 18.60
C VAL B 333 -11.58 4.59 17.17
N TYR B 334 -12.62 4.20 16.44
CA TYR B 334 -12.97 4.73 15.13
C TYR B 334 -14.22 5.59 15.19
N VAL B 335 -14.49 6.29 14.09
CA VAL B 335 -15.74 7.03 14.01
C VAL B 335 -16.96 6.16 14.42
N GLN B 336 -17.02 4.93 13.92
CA GLN B 336 -18.14 4.06 14.20
C GLN B 336 -18.21 3.77 15.70
N SER B 337 -17.08 3.81 16.41
CA SER B 337 -17.11 3.70 17.87
C SER B 337 -17.86 4.87 18.51
N ARG B 338 -17.66 6.07 18.00
CA ARG B 338 -18.26 7.28 18.57
C ARG B 338 -19.75 7.34 18.26
N VAL B 339 -20.09 6.83 17.07
CA VAL B 339 -21.49 6.68 16.72
C VAL B 339 -22.17 5.78 17.76
N SER B 340 -21.58 4.61 18.01
CA SER B 340 -22.08 3.70 19.02
C SER B 340 -22.17 4.40 20.37
N GLU B 341 -21.07 4.95 20.86
CA GLU B 341 -21.04 5.68 22.13
C GLU B 341 -22.15 6.69 22.25
N TYR B 342 -22.46 7.40 21.17
CA TYR B 342 -23.45 8.46 21.26
C TYR B 342 -24.73 8.17 20.48
N ALA B 343 -25.00 6.88 20.28
CA ALA B 343 -26.16 6.40 19.54
C ALA B 343 -27.47 7.01 20.03
N ASP B 344 -27.65 7.04 21.35
CA ASP B 344 -28.90 7.55 21.93
C ASP B 344 -29.04 8.99 21.43
N GLU B 345 -27.97 9.76 21.56
CA GLU B 345 -28.02 11.18 21.22
C GLU B 345 -28.16 11.46 19.73
N LEU B 346 -27.56 10.61 18.90
CA LEU B 346 -27.68 10.76 17.46
C LEU B 346 -29.06 10.41 16.93
N PHE B 347 -29.69 9.38 17.50
CA PHE B 347 -31.05 9.01 17.12
C PHE B 347 -32.02 10.11 17.55
N GLU B 348 -31.87 10.63 18.77
CA GLU B 348 -32.66 11.79 19.25
C GLU B 348 -32.58 12.95 18.28
N MET B 349 -31.37 13.23 17.80
CA MET B 349 -31.16 14.33 16.88
C MET B 349 -31.73 13.99 15.51
N ILE B 350 -31.50 12.76 15.06
CA ILE B 350 -32.01 12.28 13.78
C ILE B 350 -33.53 12.37 13.68
N GLN B 351 -34.23 12.33 14.82
CA GLN B 351 -35.67 12.40 14.82
C GLN B 351 -36.22 13.82 14.85
N LYS B 352 -35.35 14.81 14.71
CA LYS B 352 -35.77 16.18 14.49
C LYS B 352 -35.85 16.30 12.98
N PRO B 353 -36.78 17.11 12.47
CA PRO B 353 -36.84 17.23 11.02
C PRO B 353 -35.77 18.16 10.43
N ASN B 354 -35.22 19.07 11.26
CA ASN B 354 -34.15 20.00 10.85
C ASN B 354 -32.73 19.43 10.90
N THR B 355 -32.58 18.12 11.03
CA THR B 355 -31.28 17.51 11.21
C THR B 355 -30.72 16.81 9.97
N HIS B 356 -29.52 17.23 9.54
CA HIS B 356 -28.88 16.57 8.41
C HIS B 356 -27.65 15.79 8.86
N VAL B 357 -27.48 14.60 8.31
CA VAL B 357 -26.28 13.81 8.53
C VAL B 357 -25.48 13.72 7.22
N TYR B 358 -24.17 13.98 7.32
CA TYR B 358 -23.27 13.91 6.20
C TYR B 358 -22.16 12.91 6.53
N MET B 359 -21.73 12.10 5.57
CA MET B 359 -20.63 11.15 5.75
C MET B 359 -19.71 11.19 4.55
N CYS B 360 -18.43 11.43 4.79
CA CYS B 360 -17.47 11.61 3.72
C CYS B 360 -16.06 11.12 4.07
N GLY B 361 -15.41 10.54 3.06
CA GLY B 361 -14.16 9.80 3.25
C GLY B 361 -14.12 8.56 2.36
N LEU B 362 -13.14 7.68 2.59
CA LEU B 362 -13.00 6.46 1.79
C LEU B 362 -14.14 5.47 2.06
N LYS B 363 -14.52 4.76 0.99
CA LYS B 363 -15.51 3.68 1.00
C LYS B 363 -15.47 2.85 2.28
N GLY B 364 -14.26 2.54 2.72
CA GLY B 364 -14.06 1.73 3.93
C GLY B 364 -14.82 2.20 5.16
N MET B 365 -15.11 3.49 5.22
CA MET B 365 -15.75 4.00 6.42
C MET B 365 -17.22 3.64 6.44
N GLN B 366 -17.79 3.27 5.30
CA GLN B 366 -19.25 3.13 5.20
C GLN B 366 -19.84 1.85 5.78
N PRO B 367 -19.42 0.68 5.29
CA PRO B 367 -19.93 -0.54 5.94
C PRO B 367 -19.99 -0.51 7.47
N PRO B 368 -18.87 -0.25 8.19
CA PRO B 368 -18.97 -0.31 9.66
C PRO B 368 -19.83 0.78 10.31
N ILE B 369 -19.91 1.95 9.70
CA ILE B 369 -20.80 3.01 10.18
C ILE B 369 -22.25 2.62 9.95
N ASP B 370 -22.55 2.11 8.76
CA ASP B 370 -23.92 1.68 8.45
C ASP B 370 -24.34 0.54 9.36
N GLU B 371 -23.37 -0.30 9.69
CA GLU B 371 -23.60 -1.39 10.61
C GLU B 371 -23.74 -0.99 12.06
N THR B 372 -22.99 0.01 12.51
CA THR B 372 -23.14 0.42 13.90
C THR B 372 -24.53 0.99 14.08
N PHE B 373 -24.96 1.80 13.11
CA PHE B 373 -26.28 2.39 13.18
C PHE B 373 -27.37 1.32 13.24
N THR B 374 -27.26 0.38 12.30
CA THR B 374 -28.14 -0.76 12.21
C THR B 374 -28.19 -1.48 13.55
N ALA B 375 -27.02 -1.86 14.07
CA ALA B 375 -26.95 -2.59 15.34
C ALA B 375 -27.57 -1.80 16.49
N GLU B 376 -27.24 -0.52 16.60
CA GLU B 376 -27.74 0.30 17.71
C GLU B 376 -29.24 0.56 17.53
N ALA B 377 -29.73 0.51 16.29
CA ALA B 377 -31.15 0.63 16.00
C ALA B 377 -31.97 -0.56 16.50
N GLU B 378 -31.54 -1.78 16.15
CA GLU B 378 -32.15 -3.00 16.67
C GLU B 378 -32.18 -2.97 18.19
N LYS B 379 -31.06 -2.56 18.78
CA LYS B 379 -30.91 -2.49 20.25
C LYS B 379 -32.01 -1.67 20.92
N ARG B 380 -32.64 -0.78 20.16
CA ARG B 380 -33.57 0.18 20.74
C ARG B 380 -34.95 0.22 20.12
N GLY B 381 -35.50 -0.90 19.65
CA GLY B 381 -36.86 -0.89 19.09
C GLY B 381 -37.05 0.06 17.93
N LEU B 382 -36.11 0.04 16.99
CA LEU B 382 -36.15 0.97 15.87
C LEU B 382 -35.49 0.35 14.65
N ASN B 383 -35.96 0.71 13.45
CA ASN B 383 -35.36 0.19 12.22
C ASN B 383 -34.55 1.20 11.42
N TRP B 384 -33.24 0.96 11.31
CA TRP B 384 -32.35 1.89 10.63
C TRP B 384 -32.53 2.02 9.10
N GLU B 385 -33.03 0.98 8.44
CA GLU B 385 -33.25 1.06 6.99
C GLU B 385 -34.35 2.05 6.73
N GLU B 386 -35.35 1.97 7.59
CA GLU B 386 -36.51 2.87 7.58
C GLU B 386 -36.12 4.32 7.73
N MET B 387 -35.43 4.60 8.83
CA MET B 387 -35.01 5.94 9.17
C MET B 387 -34.22 6.54 8.03
N ARG B 388 -33.35 5.70 7.46
CA ARG B 388 -32.53 6.11 6.34
C ARG B 388 -33.39 6.41 5.11
N ARG B 389 -34.25 5.49 4.73
CA ARG B 389 -35.19 5.74 3.62
C ARG B 389 -35.82 7.12 3.73
N SER B 390 -36.46 7.37 4.86
CA SER B 390 -37.16 8.62 5.09
C SER B 390 -36.22 9.82 5.09
N MET B 391 -35.04 9.65 5.69
CA MET B 391 -34.05 10.72 5.66
C MET B 391 -33.66 11.06 4.23
N LYS B 392 -33.42 10.02 3.44
CA LYS B 392 -33.13 10.21 2.03
C LYS B 392 -34.27 10.92 1.32
N LYS B 393 -35.51 10.58 1.65
CA LYS B 393 -36.66 11.25 1.02
C LYS B 393 -36.79 12.70 1.45
N GLU B 394 -36.47 12.99 2.70
CA GLU B 394 -36.45 14.37 3.18
C GLU B 394 -35.15 15.12 2.82
N HIS B 395 -34.26 14.47 2.05
CA HIS B 395 -32.94 14.96 1.63
C HIS B 395 -32.07 15.38 2.82
N ARG B 396 -32.10 14.61 3.90
CA ARG B 396 -31.37 14.91 5.14
C ARG B 396 -30.20 13.95 5.39
N TRP B 397 -29.88 13.13 4.41
CA TRP B 397 -28.84 12.12 4.60
C TRP B 397 -27.97 12.19 3.36
N HIS B 398 -26.67 12.47 3.56
CA HIS B 398 -25.79 12.78 2.44
C HIS B 398 -24.50 11.97 2.57
N VAL B 399 -24.09 11.35 1.48
CA VAL B 399 -22.96 10.43 1.50
C VAL B 399 -22.15 10.68 0.24
N GLU B 400 -20.86 10.92 0.44
CA GLU B 400 -19.88 11.06 -0.63
C GLU B 400 -18.72 10.28 -0.07
N VAL B 401 -18.55 9.07 -0.60
CA VAL B 401 -17.58 8.13 -0.09
C VAL B 401 -16.86 7.59 -1.34
N TYR B 402 -15.57 7.35 -1.28
CA TYR B 402 -14.84 7.09 -2.52
C TYR B 402 -13.61 6.23 -2.29
#